data_5TWJ
#
_entry.id   5TWJ
#
_cell.length_a   66.530
_cell.length_b   37.360
_cell.length_c   122.070
_cell.angle_alpha   90.00
_cell.angle_beta   104.99
_cell.angle_gamma   90.00
#
_symmetry.space_group_name_H-M   'P 1 21 1'
#
loop_
_entity.id
_entity.type
_entity.pdbx_description
1 polymer 'Ribosomal RNA large subunit methyltransferase H'
2 non-polymer S-ADENOSYLMETHIONINE
3 water water
#
_entity_poly.entity_id   1
_entity_poly.type   'polypeptide(L)'
_entity_poly.pdbx_seq_one_letter_code
;MHHHHHHVKLQLVAVGTKMPDWVQTGFTEYLRRFPKDMPFELIEIPAGKRGKNADIKRILDKEGEQMLAAAGKNRIVTLD
IPGKPWDTPQLAAELERWKLDGRDVSLLIGGPEGLSPACKAAAEQSWSLSALTLPHPLVRVLVAESLYRAWSITTNHPYH
RE
;
_entity_poly.pdbx_strand_id   C,D,A,B
#
# COMPACT_ATOMS: atom_id res chain seq x y z
N HIS A 6 -37.93 -10.04 -26.58
CA HIS A 6 -38.06 -8.63 -26.18
C HIS A 6 -37.73 -8.40 -24.69
N HIS A 7 -36.70 -9.07 -24.20
CA HIS A 7 -36.20 -8.83 -22.86
C HIS A 7 -35.05 -7.81 -22.91
N VAL A 8 -34.89 -7.03 -21.85
CA VAL A 8 -33.88 -5.96 -21.82
C VAL A 8 -32.55 -6.38 -21.21
N LYS A 9 -31.49 -5.81 -21.76
CA LYS A 9 -30.13 -6.13 -21.40
C LYS A 9 -29.56 -5.06 -20.47
N LEU A 10 -28.86 -5.48 -19.43
CA LEU A 10 -28.19 -4.58 -18.49
C LEU A 10 -26.72 -4.52 -18.80
N GLN A 11 -26.23 -3.37 -19.19
CA GLN A 11 -24.83 -3.31 -19.53
C GLN A 11 -24.02 -2.40 -18.65
N LEU A 12 -23.06 -3.03 -17.96
CA LEU A 12 -22.14 -2.30 -17.12
C LEU A 12 -20.95 -1.86 -17.99
N VAL A 13 -20.84 -0.56 -18.23
CA VAL A 13 -19.75 0.00 -19.02
C VAL A 13 -18.76 0.70 -18.07
N ALA A 14 -17.58 0.10 -17.86
CA ALA A 14 -16.68 0.53 -16.80
C ALA A 14 -15.21 0.69 -17.27
N VAL A 15 -14.58 1.79 -16.87
CA VAL A 15 -13.17 2.03 -17.18
C VAL A 15 -12.24 1.22 -16.26
N GLY A 16 -11.33 0.44 -16.82
CA GLY A 16 -10.43 -0.35 -15.98
C GLY A 16 -10.60 -1.82 -16.30
N THR A 17 -9.51 -2.58 -16.27
CA THR A 17 -9.53 -3.91 -16.87
C THR A 17 -9.07 -5.08 -16.00
N LYS A 18 -8.39 -4.78 -14.90
CA LYS A 18 -7.89 -5.85 -14.05
C LYS A 18 -8.38 -5.74 -12.63
N MET A 19 -9.58 -6.25 -12.41
CA MET A 19 -10.14 -6.31 -11.08
C MET A 19 -9.29 -7.28 -10.27
N PRO A 20 -9.14 -6.99 -8.97
CA PRO A 20 -8.49 -8.00 -8.13
C PRO A 20 -9.27 -9.32 -8.22
N ASP A 21 -8.61 -10.45 -7.96
CA ASP A 21 -9.22 -11.75 -8.17
C ASP A 21 -10.50 -11.91 -7.31
N TRP A 22 -10.45 -11.47 -6.05
CA TRP A 22 -11.62 -11.66 -5.19
C TRP A 22 -12.80 -10.83 -5.65
N VAL A 23 -12.53 -9.65 -6.21
CA VAL A 23 -13.58 -8.80 -6.74
C VAL A 23 -14.23 -9.43 -7.98
N GLN A 24 -13.40 -9.96 -8.87
CA GLN A 24 -13.92 -10.61 -10.05
C GLN A 24 -14.71 -11.86 -9.66
N THR A 25 -14.24 -12.60 -8.66
CA THR A 25 -14.98 -13.76 -8.17
C THR A 25 -16.34 -13.35 -7.63
N GLY A 26 -16.34 -12.32 -6.76
CA GLY A 26 -17.58 -11.83 -6.21
C GLY A 26 -18.53 -11.31 -7.27
N PHE A 27 -17.99 -10.55 -8.22
CA PHE A 27 -18.75 -9.98 -9.32
C PHE A 27 -19.39 -11.09 -10.17
N THR A 28 -18.62 -12.14 -10.47
CA THR A 28 -19.15 -13.23 -11.27
C THR A 28 -20.25 -14.04 -10.58
N GLU A 29 -20.11 -14.24 -9.27
CA GLU A 29 -21.12 -14.94 -8.49
C GLU A 29 -22.48 -14.23 -8.57
N TYR A 30 -22.49 -12.90 -8.57
CA TYR A 30 -23.75 -12.18 -8.76
C TYR A 30 -24.19 -12.16 -10.23
N LEU A 31 -23.29 -11.81 -11.12
CA LEU A 31 -23.59 -11.70 -12.55
C LEU A 31 -24.23 -12.97 -13.07
N ARG A 32 -23.69 -14.12 -12.67
CA ARG A 32 -24.17 -15.38 -13.20
C ARG A 32 -25.59 -15.78 -12.75
N ARG A 33 -26.08 -15.19 -11.66
CA ARG A 33 -27.38 -15.56 -11.10
C ARG A 33 -28.54 -14.84 -11.76
N PHE A 34 -28.22 -13.89 -12.62
CA PHE A 34 -29.24 -13.18 -13.36
C PHE A 34 -29.91 -14.13 -14.34
N PRO A 35 -31.23 -14.02 -14.49
CA PRO A 35 -31.98 -14.92 -15.37
C PRO A 35 -31.68 -14.65 -16.84
N LYS A 36 -32.02 -15.58 -17.72
CA LYS A 36 -31.74 -15.39 -19.13
C LYS A 36 -32.49 -14.20 -19.70
N ASP A 37 -33.63 -13.84 -19.11
CA ASP A 37 -34.44 -12.73 -19.62
C ASP A 37 -33.99 -11.38 -19.06
N MET A 38 -33.05 -11.41 -18.14
CA MET A 38 -32.36 -10.19 -17.77
C MET A 38 -30.83 -10.42 -17.71
N PRO A 39 -30.22 -10.45 -18.89
CA PRO A 39 -28.79 -10.74 -18.95
C PRO A 39 -28.02 -9.57 -18.40
N PHE A 40 -27.04 -9.89 -17.56
CA PHE A 40 -26.17 -8.88 -16.98
C PHE A 40 -24.79 -9.06 -17.58
N GLU A 41 -24.30 -8.05 -18.28
CA GLU A 41 -23.01 -8.19 -18.92
C GLU A 41 -22.09 -6.99 -18.69
N LEU A 42 -20.78 -7.25 -18.73
CA LEU A 42 -19.73 -6.27 -18.47
C LEU A 42 -19.01 -5.85 -19.73
N ILE A 43 -18.93 -4.55 -19.96
CA ILE A 43 -18.07 -4.07 -21.02
C ILE A 43 -16.96 -3.19 -20.40
N GLU A 44 -15.71 -3.64 -20.47
CA GLU A 44 -14.57 -2.90 -19.89
C GLU A 44 -13.91 -2.00 -20.92
N ILE A 45 -13.86 -0.71 -20.60
CA ILE A 45 -13.08 0.28 -21.35
C ILE A 45 -11.71 0.50 -20.68
N PRO A 46 -10.62 0.47 -21.47
CA PRO A 46 -9.28 0.72 -20.91
C PRO A 46 -9.08 2.14 -20.35
N ALA A 47 -8.42 2.26 -19.20
CA ALA A 47 -8.16 3.55 -18.60
C ALA A 47 -7.06 4.28 -19.35
N GLY A 48 -7.22 5.59 -19.54
CA GLY A 48 -6.21 6.38 -20.21
C GLY A 48 -4.96 6.46 -19.35
N LYS A 49 -3.81 6.45 -20.01
CA LYS A 49 -2.52 6.60 -19.35
C LYS A 49 -2.32 8.03 -18.88
N ARG A 50 -2.22 8.17 -17.56
CA ARG A 50 -2.05 9.46 -16.88
C ARG A 50 -0.61 9.78 -16.52
N GLY A 51 -0.26 11.06 -16.56
CA GLY A 51 1.06 11.55 -16.20
C GLY A 51 0.98 13.01 -15.81
N LYS A 52 2.02 13.57 -15.18
CA LYS A 52 2.03 15.02 -14.94
C LYS A 52 2.04 15.77 -16.27
N ASN A 53 2.73 15.23 -17.26
CA ASN A 53 2.81 15.90 -18.55
C ASN A 53 1.60 15.66 -19.44
N ALA A 54 0.72 14.75 -19.02
CA ALA A 54 -0.49 14.45 -19.77
C ALA A 54 -1.56 15.50 -19.49
N ASP A 55 -2.30 15.87 -20.52
CA ASP A 55 -3.43 16.77 -20.34
C ASP A 55 -4.59 15.93 -19.83
N ILE A 56 -4.90 16.08 -18.55
CA ILE A 56 -5.89 15.22 -17.89
C ILE A 56 -7.31 15.36 -18.45
N LYS A 57 -7.74 16.56 -18.85
CA LYS A 57 -9.10 16.69 -19.40
C LYS A 57 -9.30 15.85 -20.63
N ARG A 58 -8.33 15.90 -21.53
CA ARG A 58 -8.37 15.19 -22.79
C ARG A 58 -8.31 13.68 -22.57
N ILE A 59 -7.54 13.23 -21.59
CA ILE A 59 -7.49 11.79 -21.27
C ILE A 59 -8.90 11.31 -20.87
N LEU A 60 -9.54 12.12 -20.02
CA LEU A 60 -10.86 11.89 -19.47
C LEU A 60 -11.94 11.90 -20.57
N ASP A 61 -11.82 12.83 -21.50
CA ASP A 61 -12.76 12.91 -22.60
C ASP A 61 -12.64 11.70 -23.51
N LYS A 62 -11.41 11.24 -23.77
CA LYS A 62 -11.24 10.05 -24.61
C LYS A 62 -11.88 8.84 -23.92
N GLU A 63 -11.78 8.78 -22.59
CA GLU A 63 -12.43 7.72 -21.84
C GLU A 63 -13.94 7.79 -21.96
N GLY A 64 -14.48 9.00 -21.81
CA GLY A 64 -15.91 9.21 -21.91
C GLY A 64 -16.42 8.87 -23.30
N GLU A 65 -15.68 9.31 -24.34
CA GLU A 65 -16.05 9.02 -25.72
C GLU A 65 -16.17 7.52 -25.96
N GLN A 66 -15.22 6.77 -25.43
CA GLN A 66 -15.27 5.31 -25.48
C GLN A 66 -16.52 4.75 -24.77
N MET A 67 -16.86 5.28 -23.60
CA MET A 67 -18.03 4.83 -22.85
C MET A 67 -19.33 5.10 -23.63
N LEU A 68 -19.50 6.33 -24.11
CA LEU A 68 -20.75 6.70 -24.77
C LEU A 68 -20.91 5.92 -26.07
N ALA A 69 -19.79 5.59 -26.69
CA ALA A 69 -19.78 4.79 -27.91
C ALA A 69 -20.21 3.38 -27.60
N ALA A 70 -19.81 2.89 -26.43
CA ALA A 70 -20.18 1.56 -25.97
C ALA A 70 -21.69 1.47 -25.67
N ALA A 71 -22.23 2.54 -25.09
CA ALA A 71 -23.64 2.61 -24.74
C ALA A 71 -24.52 2.60 -25.99
N GLY A 72 -24.08 3.27 -27.04
CA GLY A 72 -24.84 3.35 -28.27
C GLY A 72 -26.14 4.13 -28.08
N LYS A 73 -27.25 3.52 -28.46
CA LYS A 73 -28.57 4.13 -28.31
C LYS A 73 -29.24 3.70 -26.99
N ASN A 74 -28.48 2.98 -26.15
CA ASN A 74 -29.02 2.51 -24.88
C ASN A 74 -29.47 3.65 -23.97
N ARG A 75 -30.40 3.35 -23.07
CA ARG A 75 -30.69 4.23 -21.95
C ARG A 75 -29.42 4.35 -21.12
N ILE A 76 -29.04 5.59 -20.85
CA ILE A 76 -27.80 5.86 -20.14
C ILE A 76 -28.06 6.21 -18.69
N VAL A 77 -27.52 5.37 -17.80
CA VAL A 77 -27.63 5.59 -16.35
C VAL A 77 -26.22 5.72 -15.78
N THR A 78 -25.89 6.86 -15.18
CA THR A 78 -24.55 6.99 -14.60
C THR A 78 -24.52 6.58 -13.15
N LEU A 79 -23.45 5.89 -12.78
CA LEU A 79 -23.13 5.69 -11.37
C LEU A 79 -22.33 6.89 -10.99
N ASP A 80 -22.87 7.70 -10.09
CA ASP A 80 -22.16 8.90 -9.64
C ASP A 80 -22.52 9.24 -8.20
N ILE A 81 -21.51 9.65 -7.43
CA ILE A 81 -21.71 10.03 -6.04
C ILE A 81 -22.82 11.07 -5.85
N PRO A 82 -22.88 12.10 -6.73
CA PRO A 82 -24.00 13.01 -6.50
C PRO A 82 -25.33 12.64 -7.19
N GLY A 83 -25.47 11.42 -7.69
CA GLY A 83 -26.73 11.00 -8.29
C GLY A 83 -27.83 10.75 -7.25
N LYS A 84 -28.93 10.15 -7.68
CA LYS A 84 -30.06 9.85 -6.78
C LYS A 84 -29.74 8.71 -5.83
N PRO A 85 -29.91 8.95 -4.53
CA PRO A 85 -29.65 7.91 -3.55
C PRO A 85 -30.78 6.89 -3.48
N TRP A 86 -30.96 6.16 -4.57
CA TRP A 86 -32.03 5.17 -4.61
C TRP A 86 -31.92 4.14 -3.49
N ASP A 87 -33.00 3.88 -2.77
CA ASP A 87 -33.04 2.71 -1.90
C ASP A 87 -33.44 1.49 -2.73
N THR A 88 -33.45 0.32 -2.10
CA THR A 88 -33.68 -0.93 -2.80
C THR A 88 -35.09 -1.02 -3.41
N PRO A 89 -36.15 -0.62 -2.68
CA PRO A 89 -37.46 -0.56 -3.35
C PRO A 89 -37.47 0.37 -4.57
N GLN A 90 -36.83 1.52 -4.50
CA GLN A 90 -36.79 2.44 -5.65
C GLN A 90 -36.07 1.82 -6.84
N LEU A 91 -34.96 1.14 -6.59
CA LEU A 91 -34.19 0.51 -7.66
C LEU A 91 -35.01 -0.58 -8.33
N ALA A 92 -35.84 -1.28 -7.56
CA ALA A 92 -36.71 -2.30 -8.13
C ALA A 92 -37.76 -1.64 -9.06
N ALA A 93 -38.29 -0.50 -8.62
CA ALA A 93 -39.24 0.27 -9.42
C ALA A 93 -38.58 0.78 -10.71
N GLU A 94 -37.32 1.22 -10.62
CA GLU A 94 -36.56 1.67 -11.77
C GLU A 94 -36.30 0.52 -12.72
N LEU A 95 -35.92 -0.62 -12.17
CA LEU A 95 -35.67 -1.82 -12.95
C LEU A 95 -36.92 -2.21 -13.76
N GLU A 96 -38.09 -1.99 -13.16
CA GLU A 96 -39.33 -2.30 -13.81
C GLU A 96 -39.64 -1.28 -14.93
N ARG A 97 -39.28 -0.01 -14.69
CA ARG A 97 -39.44 1.09 -15.64
C ARG A 97 -38.58 0.88 -16.88
N TRP A 98 -37.37 0.36 -16.67
CA TRP A 98 -36.45 0.10 -17.76
C TRP A 98 -36.97 -0.99 -18.68
N LYS A 99 -37.65 -1.98 -18.10
CA LYS A 99 -38.23 -3.10 -18.83
C LYS A 99 -39.41 -2.68 -19.71
N LEU A 100 -40.26 -1.81 -19.18
CA LEU A 100 -41.40 -1.26 -19.94
C LEU A 100 -40.90 -0.40 -21.08
N ASP A 101 -39.86 0.38 -20.79
CA ASP A 101 -39.23 1.27 -21.76
C ASP A 101 -38.76 0.41 -22.92
N GLY A 102 -38.19 -0.75 -22.58
CA GLY A 102 -37.82 -1.73 -23.57
C GLY A 102 -36.39 -1.62 -24.08
N ARG A 103 -35.76 -0.46 -23.85
CA ARG A 103 -34.38 -0.24 -24.28
C ARG A 103 -33.39 -0.89 -23.35
N ASP A 104 -32.29 -1.39 -23.90
CA ASP A 104 -31.21 -1.88 -23.05
C ASP A 104 -30.64 -0.76 -22.19
N VAL A 105 -30.11 -1.10 -21.03
CA VAL A 105 -29.63 -0.09 -20.12
C VAL A 105 -28.12 -0.17 -20.00
N SER A 106 -27.45 0.97 -20.21
CA SER A 106 -26.02 1.10 -19.99
C SER A 106 -25.75 1.81 -18.67
N LEU A 107 -25.07 1.11 -17.78
CA LEU A 107 -24.71 1.65 -16.46
C LEU A 107 -23.23 2.07 -16.44
N LEU A 108 -22.97 3.36 -16.27
CA LEU A 108 -21.64 3.88 -16.53
C LEU A 108 -20.87 4.15 -15.22
N ILE A 109 -19.69 3.53 -15.14
CA ILE A 109 -18.77 3.69 -14.04
C ILE A 109 -17.47 4.31 -14.51
N GLY A 110 -17.16 5.48 -13.99
CA GLY A 110 -16.00 6.22 -14.45
C GLY A 110 -14.69 5.64 -13.98
N GLY A 111 -13.61 6.13 -14.57
CA GLY A 111 -12.28 5.72 -14.21
C GLY A 111 -11.80 6.54 -13.03
N PRO A 112 -10.48 6.53 -12.81
CA PRO A 112 -9.86 7.14 -11.62
C PRO A 112 -10.21 8.62 -11.46
N GLU A 113 -10.41 9.30 -12.58
CA GLU A 113 -10.72 10.72 -12.56
C GLU A 113 -12.21 11.01 -12.62
N GLY A 114 -13.03 9.97 -12.46
CA GLY A 114 -14.47 10.13 -12.50
C GLY A 114 -15.06 10.10 -13.91
N LEU A 115 -16.35 10.39 -14.03
CA LEU A 115 -16.99 10.41 -15.34
C LEU A 115 -16.66 11.67 -16.14
N SER A 116 -16.55 11.53 -17.47
CA SER A 116 -16.28 12.71 -18.29
C SER A 116 -17.50 13.61 -18.26
N PRO A 117 -17.30 14.91 -18.45
CA PRO A 117 -18.39 15.90 -18.53
C PRO A 117 -19.47 15.50 -19.52
N ALA A 118 -19.05 14.97 -20.67
CA ALA A 118 -19.93 14.53 -21.74
C ALA A 118 -20.77 13.32 -21.31
N CYS A 119 -20.20 12.49 -20.45
CA CYS A 119 -20.93 11.33 -19.92
C CYS A 119 -21.96 11.76 -18.89
N LYS A 120 -21.59 12.68 -18.01
CA LYS A 120 -22.51 13.20 -17.00
C LYS A 120 -23.64 13.93 -17.66
N ALA A 121 -23.31 14.65 -18.73
CA ALA A 121 -24.31 15.36 -19.52
C ALA A 121 -25.23 14.40 -20.25
N ALA A 122 -24.71 13.27 -20.71
CA ALA A 122 -25.51 12.34 -21.49
C ALA A 122 -26.44 11.49 -20.61
N ALA A 123 -26.27 11.54 -19.29
CA ALA A 123 -27.02 10.68 -18.39
C ALA A 123 -28.50 11.01 -18.39
N GLU A 124 -29.34 10.02 -18.69
CA GLU A 124 -30.78 10.15 -18.55
C GLU A 124 -31.18 10.03 -17.08
N GLN A 125 -30.40 9.27 -16.34
CA GLN A 125 -30.54 9.13 -14.90
C GLN A 125 -29.16 9.00 -14.28
N SER A 126 -29.02 9.40 -13.03
CA SER A 126 -27.76 9.21 -12.32
C SER A 126 -28.05 8.60 -10.97
N TRP A 127 -27.25 7.60 -10.60
CA TRP A 127 -27.56 6.75 -9.48
C TRP A 127 -26.39 6.77 -8.50
N SER A 128 -26.66 7.22 -7.27
CA SER A 128 -25.66 7.23 -6.19
C SER A 128 -25.77 6.02 -5.25
N LEU A 129 -24.67 5.30 -5.10
CA LEU A 129 -24.64 4.11 -4.24
C LEU A 129 -24.44 4.46 -2.76
N SER A 130 -23.87 5.65 -2.50
CA SER A 130 -23.34 6.00 -1.20
C SER A 130 -22.87 7.43 -1.24
N ALA A 131 -22.81 8.08 -0.08
CA ALA A 131 -22.14 9.35 0.01
C ALA A 131 -20.62 9.16 0.02
N LEU A 132 -20.16 7.94 0.28
CA LEU A 132 -18.72 7.62 0.32
C LEU A 132 -18.14 7.58 -1.09
N THR A 133 -16.86 7.90 -1.21
CA THR A 133 -16.12 7.70 -2.46
C THR A 133 -15.70 6.24 -2.51
N LEU A 134 -16.32 5.47 -3.40
CA LEU A 134 -16.07 4.03 -3.44
C LEU A 134 -15.06 3.68 -4.49
N PRO A 135 -14.27 2.63 -4.24
CA PRO A 135 -13.27 2.30 -5.27
C PRO A 135 -13.93 1.58 -6.43
N HIS A 136 -13.44 1.78 -7.65
CA HIS A 136 -14.10 1.27 -8.84
C HIS A 136 -14.42 -0.24 -8.79
N PRO A 137 -13.51 -1.08 -8.27
CA PRO A 137 -13.86 -2.50 -8.19
C PRO A 137 -15.08 -2.80 -7.31
N LEU A 138 -15.20 -2.14 -6.15
CA LEU A 138 -16.36 -2.32 -5.28
C LEU A 138 -17.66 -1.79 -5.88
N VAL A 139 -17.57 -0.69 -6.63
CA VAL A 139 -18.74 -0.19 -7.34
C VAL A 139 -19.30 -1.27 -8.25
N ARG A 140 -18.42 -1.99 -8.93
CA ARG A 140 -18.87 -3.07 -9.81
C ARG A 140 -19.69 -4.14 -9.09
N VAL A 141 -19.19 -4.59 -7.95
CA VAL A 141 -19.85 -5.61 -7.15
C VAL A 141 -21.18 -5.11 -6.58
N LEU A 142 -21.20 -3.88 -6.07
CA LEU A 142 -22.41 -3.34 -5.47
C LEU A 142 -23.53 -3.19 -6.50
N VAL A 143 -23.17 -2.77 -7.68
CA VAL A 143 -24.14 -2.62 -8.75
C VAL A 143 -24.72 -3.97 -9.10
N ALA A 144 -23.86 -4.98 -9.23
CA ALA A 144 -24.34 -6.33 -9.56
C ALA A 144 -25.23 -6.86 -8.45
N GLU A 145 -24.80 -6.74 -7.19
CA GLU A 145 -25.58 -7.27 -6.07
C GLU A 145 -26.91 -6.55 -5.89
N SER A 146 -26.91 -5.21 -5.96
CA SER A 146 -28.15 -4.46 -5.70
C SER A 146 -29.18 -4.62 -6.83
N LEU A 147 -28.70 -4.79 -8.06
CA LEU A 147 -29.59 -5.05 -9.19
C LEU A 147 -30.16 -6.45 -9.05
N TYR A 148 -29.34 -7.39 -8.59
CA TYR A 148 -29.81 -8.74 -8.35
C TYR A 148 -30.89 -8.71 -7.27
N ARG A 149 -30.64 -7.98 -6.18
CA ARG A 149 -31.61 -7.84 -5.10
C ARG A 149 -32.87 -7.15 -5.58
N ALA A 150 -32.71 -6.10 -6.37
CA ALA A 150 -33.86 -5.42 -6.96
C ALA A 150 -34.64 -6.39 -7.85
N TRP A 151 -33.92 -7.14 -8.68
CA TRP A 151 -34.59 -8.08 -9.56
C TRP A 151 -35.35 -9.12 -8.73
N SER A 152 -34.73 -9.62 -7.66
CA SER A 152 -35.35 -10.70 -6.93
C SER A 152 -36.64 -10.24 -6.25
N ILE A 153 -36.72 -8.97 -5.89
CA ILE A 153 -37.95 -8.35 -5.42
C ILE A 153 -39.02 -8.36 -6.53
N THR A 154 -38.64 -8.05 -7.76
CA THR A 154 -39.63 -8.02 -8.84
C THR A 154 -40.24 -9.39 -9.15
N THR A 155 -39.49 -10.47 -8.90
CA THR A 155 -39.97 -11.81 -9.21
C THR A 155 -40.22 -12.62 -7.95
N ASN A 156 -40.20 -11.96 -6.79
CA ASN A 156 -40.30 -12.61 -5.48
C ASN A 156 -39.40 -13.83 -5.30
N HIS A 157 -38.17 -13.69 -5.79
CA HIS A 157 -37.10 -14.65 -5.60
C HIS A 157 -36.69 -14.69 -4.12
N PRO A 158 -36.24 -15.86 -3.60
CA PRO A 158 -35.91 -15.90 -2.17
C PRO A 158 -34.79 -14.95 -1.74
N TYR A 159 -33.97 -14.47 -2.67
CA TYR A 159 -32.78 -13.73 -2.26
C TYR A 159 -33.07 -12.45 -1.44
N HIS A 160 -34.06 -11.66 -1.85
CA HIS A 160 -34.30 -10.37 -1.20
C HIS A 160 -34.90 -10.50 0.19
N ARG A 161 -35.37 -11.70 0.53
CA ARG A 161 -36.06 -11.93 1.80
C ARG A 161 -35.50 -13.07 2.62
N GLU A 162 -34.18 -13.20 2.64
CA GLU A 162 -33.55 -14.29 3.36
C GLU A 162 -32.50 -13.77 4.32
N HIS B 6 -1.85 1.40 18.56
CA HIS B 6 -2.58 0.85 19.69
C HIS B 6 -3.01 2.04 20.57
N HIS B 7 -3.38 3.15 19.93
CA HIS B 7 -3.97 4.21 20.71
C HIS B 7 -5.45 3.94 20.65
N VAL B 8 -6.03 3.88 19.46
CA VAL B 8 -7.43 3.47 19.39
C VAL B 8 -7.58 2.29 18.44
N LYS B 9 -8.39 1.34 18.87
CA LYS B 9 -8.62 0.12 18.14
C LYS B 9 -9.97 0.20 17.47
N LEU B 10 -10.04 -0.22 16.21
CA LEU B 10 -11.31 -0.26 15.51
C LEU B 10 -11.76 -1.71 15.50
N GLN B 11 -12.83 -2.04 16.21
CA GLN B 11 -13.27 -3.43 16.23
C GLN B 11 -14.67 -3.57 15.65
N LEU B 12 -14.76 -4.37 14.60
CA LEU B 12 -16.01 -4.69 13.92
C LEU B 12 -16.66 -5.86 14.67
N VAL B 13 -17.83 -5.60 15.27
CA VAL B 13 -18.62 -6.62 15.95
C VAL B 13 -19.79 -7.00 15.02
N ALA B 14 -19.74 -8.19 14.45
CA ALA B 14 -20.65 -8.53 13.39
C ALA B 14 -21.26 -9.92 13.59
N VAL B 15 -22.57 -10.02 13.38
CA VAL B 15 -23.28 -11.29 13.47
C VAL B 15 -23.05 -12.14 12.21
N GLY B 16 -22.66 -13.40 12.36
CA GLY B 16 -22.49 -14.23 11.19
C GLY B 16 -21.07 -14.73 11.13
N THR B 17 -20.90 -15.96 10.68
CA THR B 17 -19.62 -16.63 10.85
C THR B 17 -19.05 -17.26 9.59
N LYS B 18 -19.84 -17.39 8.54
CA LYS B 18 -19.34 -18.10 7.39
C LYS B 18 -19.36 -17.23 6.16
N MET B 19 -18.37 -16.34 6.05
CA MET B 19 -18.26 -15.50 4.87
C MET B 19 -17.84 -16.31 3.67
N PRO B 20 -18.37 -15.98 2.48
CA PRO B 20 -17.86 -16.59 1.26
C PRO B 20 -16.38 -16.29 1.16
N ASP B 21 -15.64 -17.12 0.45
CA ASP B 21 -14.20 -16.99 0.45
C ASP B 21 -13.75 -15.66 -0.12
N TRP B 22 -14.38 -15.21 -1.21
CA TRP B 22 -13.92 -13.97 -1.85
C TRP B 22 -14.12 -12.79 -0.95
N VAL B 23 -15.17 -12.85 -0.12
CA VAL B 23 -15.44 -11.82 0.87
C VAL B 23 -14.37 -11.78 1.95
N GLN B 24 -13.99 -12.94 2.48
CA GLN B 24 -12.95 -12.96 3.52
C GLN B 24 -11.61 -12.49 2.96
N THR B 25 -11.34 -12.86 1.71
CA THR B 25 -10.16 -12.38 1.02
C THR B 25 -10.13 -10.85 0.89
N GLY B 26 -11.22 -10.26 0.39
CA GLY B 26 -11.34 -8.82 0.25
C GLY B 26 -11.29 -8.06 1.56
N PHE B 27 -12.01 -8.57 2.56
CA PHE B 27 -12.02 -8.00 3.89
C PHE B 27 -10.61 -7.99 4.55
N THR B 28 -9.91 -9.11 4.44
CA THR B 28 -8.57 -9.25 5.03
C THR B 28 -7.57 -8.35 4.34
N GLU B 29 -7.77 -8.21 3.03
CA GLU B 29 -6.91 -7.40 2.21
C GLU B 29 -6.87 -5.94 2.73
N TYR B 30 -8.01 -5.44 3.16
CA TYR B 30 -8.09 -4.11 3.76
C TYR B 30 -7.59 -4.16 5.22
N LEU B 31 -8.08 -5.15 5.97
CA LEU B 31 -7.76 -5.25 7.37
C LEU B 31 -6.27 -5.27 7.63
N ARG B 32 -5.54 -6.08 6.86
CA ARG B 32 -4.11 -6.24 7.03
C ARG B 32 -3.28 -5.00 6.69
N ARG B 33 -3.90 -4.02 6.03
CA ARG B 33 -3.20 -2.78 5.68
C ARG B 33 -3.30 -1.65 6.70
N PHE B 34 -4.15 -1.80 7.71
CA PHE B 34 -4.22 -0.80 8.76
C PHE B 34 -2.91 -0.83 9.52
N PRO B 35 -2.42 0.33 9.94
CA PRO B 35 -1.12 0.37 10.64
C PRO B 35 -1.23 -0.21 12.05
N LYS B 36 -0.09 -0.55 12.63
CA LYS B 36 -0.10 -1.12 13.97
C LYS B 36 -0.63 -0.13 15.00
N ASP B 37 -0.58 1.16 14.70
CA ASP B 37 -1.07 2.14 15.67
C ASP B 37 -2.58 2.39 15.57
N MET B 38 -3.19 1.86 14.50
CA MET B 38 -4.65 1.84 14.40
C MET B 38 -5.09 0.45 13.93
N PRO B 39 -5.10 -0.52 14.85
CA PRO B 39 -5.46 -1.90 14.50
C PRO B 39 -6.94 -2.08 14.22
N PHE B 40 -7.25 -2.79 13.14
CA PHE B 40 -8.63 -3.11 12.72
C PHE B 40 -8.86 -4.62 12.97
N GLU B 41 -9.84 -4.96 13.80
CA GLU B 41 -10.07 -6.36 14.17
C GLU B 41 -11.54 -6.77 14.05
N LEU B 42 -11.76 -8.06 13.83
CA LEU B 42 -13.10 -8.61 13.65
C LEU B 42 -13.55 -9.46 14.82
N ILE B 43 -14.73 -9.15 15.34
CA ILE B 43 -15.36 -10.01 16.33
C ILE B 43 -16.66 -10.58 15.78
N GLU B 44 -16.73 -11.90 15.58
CA GLU B 44 -17.93 -12.53 15.04
C GLU B 44 -18.83 -13.08 16.12
N ILE B 45 -20.08 -12.60 16.14
CA ILE B 45 -21.13 -13.22 16.96
C ILE B 45 -21.91 -14.20 16.09
N PRO B 46 -22.10 -15.45 16.57
CA PRO B 46 -22.89 -16.41 15.78
C PRO B 46 -24.36 -16.00 15.63
N ALA B 47 -24.93 -16.21 14.45
CA ALA B 47 -26.33 -15.90 14.22
C ALA B 47 -27.18 -16.92 14.95
N GLY B 48 -28.30 -16.46 15.50
CA GLY B 48 -29.24 -17.35 16.16
C GLY B 48 -29.89 -18.21 15.12
N LYS B 49 -30.13 -19.46 15.47
CA LYS B 49 -30.83 -20.37 14.56
C LYS B 49 -32.28 -19.94 14.46
N ARG B 50 -32.68 -19.54 13.26
CA ARG B 50 -34.04 -19.12 13.01
C ARG B 50 -34.88 -20.26 12.42
N GLY B 51 -36.17 -20.27 12.75
CA GLY B 51 -37.08 -21.26 12.21
C GLY B 51 -38.45 -20.62 12.23
N LYS B 52 -39.39 -21.14 11.45
CA LYS B 52 -40.74 -20.55 11.47
C LYS B 52 -41.46 -20.75 12.80
N ASN B 53 -40.82 -21.40 13.74
CA ASN B 53 -41.44 -21.63 15.04
C ASN B 53 -40.65 -20.88 16.10
N ALA B 54 -39.55 -20.29 15.67
CA ALA B 54 -38.64 -19.58 16.55
C ALA B 54 -39.15 -18.20 16.92
N ASP B 55 -38.90 -17.79 18.17
CA ASP B 55 -39.21 -16.44 18.62
C ASP B 55 -38.11 -15.49 18.15
N ILE B 56 -38.40 -14.72 17.10
CA ILE B 56 -37.43 -13.82 16.48
C ILE B 56 -37.04 -12.69 17.41
N LYS B 57 -38.00 -12.25 18.20
CA LYS B 57 -37.80 -11.17 19.15
C LYS B 57 -36.68 -11.56 20.12
N ARG B 58 -36.75 -12.79 20.67
CA ARG B 58 -35.74 -13.28 21.62
C ARG B 58 -34.38 -13.56 20.99
N ILE B 59 -34.41 -14.13 19.80
CA ILE B 59 -33.19 -14.48 19.08
C ILE B 59 -32.41 -13.20 18.86
N LEU B 60 -33.13 -12.17 18.46
CA LEU B 60 -32.56 -10.87 18.20
C LEU B 60 -31.96 -10.26 19.47
N ASP B 61 -32.66 -10.40 20.58
CA ASP B 61 -32.15 -9.89 21.85
C ASP B 61 -30.88 -10.62 22.27
N LYS B 62 -30.85 -11.93 22.07
CA LYS B 62 -29.70 -12.73 22.45
C LYS B 62 -28.49 -12.37 21.59
N GLU B 63 -28.71 -12.05 20.32
CA GLU B 63 -27.63 -11.56 19.45
C GLU B 63 -27.07 -10.23 19.94
N GLY B 64 -27.97 -9.28 20.22
CA GLY B 64 -27.59 -7.96 20.68
C GLY B 64 -26.85 -7.98 22.01
N GLU B 65 -27.32 -8.85 22.90
CA GLU B 65 -26.73 -9.05 24.22
C GLU B 65 -25.25 -9.44 24.10
N GLN B 66 -24.97 -10.38 23.21
CA GLN B 66 -23.61 -10.76 22.85
C GLN B 66 -22.83 -9.62 22.21
N MET B 67 -23.46 -8.86 21.33
CA MET B 67 -22.78 -7.75 20.68
C MET B 67 -22.35 -6.73 21.70
N LEU B 68 -23.27 -6.36 22.58
CA LEU B 68 -22.99 -5.32 23.55
C LEU B 68 -21.94 -5.76 24.56
N ALA B 69 -21.86 -7.06 24.80
CA ALA B 69 -20.85 -7.62 25.69
C ALA B 69 -19.47 -7.53 25.06
N ALA B 70 -19.39 -7.78 23.76
CA ALA B 70 -18.13 -7.69 23.05
C ALA B 70 -17.63 -6.25 23.02
N ALA B 71 -18.54 -5.30 22.82
CA ALA B 71 -18.21 -3.89 22.76
C ALA B 71 -17.65 -3.40 24.08
N GLY B 72 -18.22 -3.87 25.18
CA GLY B 72 -17.78 -3.47 26.51
C GLY B 72 -18.01 -1.99 26.72
N LYS B 73 -16.98 -1.27 27.14
CA LYS B 73 -17.12 0.16 27.41
C LYS B 73 -16.70 1.03 26.24
N ASN B 74 -16.43 0.40 25.10
CA ASN B 74 -16.02 1.07 23.85
C ASN B 74 -17.04 2.10 23.37
N ARG B 75 -16.57 3.04 22.54
CA ARG B 75 -17.51 3.87 21.76
C ARG B 75 -18.31 2.95 20.86
N ILE B 76 -19.63 3.05 20.93
CA ILE B 76 -20.49 2.15 20.16
C ILE B 76 -21.04 2.86 18.94
N VAL B 77 -20.72 2.34 17.76
CA VAL B 77 -21.21 2.93 16.51
C VAL B 77 -21.95 1.88 15.71
N THR B 78 -23.22 2.12 15.41
CA THR B 78 -23.96 1.13 14.62
C THR B 78 -23.89 1.43 13.12
N LEU B 79 -23.77 0.37 12.34
CA LEU B 79 -23.99 0.42 10.92
C LEU B 79 -25.48 0.23 10.75
N ASP B 80 -26.17 1.24 10.24
CA ASP B 80 -27.60 1.10 10.05
C ASP B 80 -28.04 1.94 8.85
N ILE B 81 -28.98 1.42 8.06
CA ILE B 81 -29.49 2.15 6.90
C ILE B 81 -30.00 3.55 7.27
N PRO B 82 -30.69 3.70 8.42
CA PRO B 82 -31.12 5.08 8.65
C PRO B 82 -30.10 5.95 9.41
N GLY B 83 -28.84 5.52 9.51
CA GLY B 83 -27.83 6.32 10.17
C GLY B 83 -27.39 7.54 9.37
N LYS B 84 -26.31 8.17 9.80
CA LYS B 84 -25.72 9.32 9.12
C LYS B 84 -25.07 8.88 7.81
N PRO B 85 -25.48 9.49 6.69
CA PRO B 85 -24.84 9.18 5.39
C PRO B 85 -23.54 9.97 5.20
N TRP B 86 -22.54 9.68 6.03
CA TRP B 86 -21.22 10.31 5.96
C TRP B 86 -20.55 10.15 4.59
N ASP B 87 -20.03 11.23 4.01
CA ASP B 87 -19.16 11.04 2.86
C ASP B 87 -17.73 10.75 3.36
N THR B 88 -16.83 10.51 2.43
CA THR B 88 -15.48 10.12 2.80
C THR B 88 -14.70 11.18 3.63
N PRO B 89 -14.72 12.48 3.26
CA PRO B 89 -14.10 13.46 4.16
C PRO B 89 -14.71 13.46 5.58
N GLN B 90 -16.03 13.33 5.66
CA GLN B 90 -16.72 13.30 6.95
C GLN B 90 -16.32 12.10 7.81
N LEU B 91 -16.07 10.96 7.19
CA LEU B 91 -15.65 9.77 7.89
C LEU B 91 -14.21 9.95 8.43
N ALA B 92 -13.39 10.65 7.66
CA ALA B 92 -12.02 10.96 8.07
C ALA B 92 -12.01 11.87 9.30
N ALA B 93 -12.91 12.86 9.29
CA ALA B 93 -13.04 13.74 10.44
C ALA B 93 -13.53 12.97 11.68
N GLU B 94 -14.47 12.05 11.50
CA GLU B 94 -14.98 11.22 12.59
C GLU B 94 -13.91 10.31 13.15
N LEU B 95 -13.13 9.72 12.26
CA LEU B 95 -12.03 8.86 12.65
C LEU B 95 -11.06 9.66 13.50
N GLU B 96 -10.91 10.92 13.14
CA GLU B 96 -10.00 11.82 13.81
C GLU B 96 -10.54 12.15 15.21
N ARG B 97 -11.85 12.32 15.30
CA ARG B 97 -12.55 12.56 16.54
C ARG B 97 -12.54 11.34 17.48
N TRP B 98 -12.60 10.14 16.90
CA TRP B 98 -12.52 8.93 17.71
C TRP B 98 -11.15 8.81 18.36
N LYS B 99 -10.13 9.24 17.62
CA LYS B 99 -8.76 9.19 18.11
C LYS B 99 -8.62 10.11 19.31
N LEU B 100 -9.22 11.30 19.24
CA LEU B 100 -9.18 12.24 20.35
C LEU B 100 -9.89 11.71 21.57
N ASP B 101 -11.03 11.06 21.33
CA ASP B 101 -11.84 10.51 22.40
C ASP B 101 -11.00 9.55 23.24
N GLY B 102 -10.22 8.73 22.53
CA GLY B 102 -9.27 7.81 23.14
C GLY B 102 -9.83 6.42 23.37
N ARG B 103 -11.15 6.27 23.29
CA ARG B 103 -11.77 4.96 23.49
C ARG B 103 -11.73 4.13 22.21
N ASP B 104 -11.54 2.83 22.34
CA ASP B 104 -11.65 1.98 21.17
C ASP B 104 -13.08 2.06 20.63
N VAL B 105 -13.22 1.80 19.34
CA VAL B 105 -14.51 1.96 18.72
C VAL B 105 -15.05 0.61 18.33
N SER B 106 -16.28 0.32 18.79
CA SER B 106 -16.99 -0.90 18.38
C SER B 106 -18.01 -0.50 17.31
N LEU B 107 -17.83 -1.11 16.14
CA LEU B 107 -18.67 -0.93 14.98
C LEU B 107 -19.63 -2.13 14.82
N LEU B 108 -20.92 -1.89 14.97
CA LEU B 108 -21.87 -3.00 15.13
C LEU B 108 -22.67 -3.27 13.84
N ILE B 109 -22.58 -4.51 13.36
CA ILE B 109 -23.33 -4.94 12.19
C ILE B 109 -24.31 -6.04 12.53
N GLY B 110 -25.59 -5.77 12.26
CA GLY B 110 -26.63 -6.68 12.67
C GLY B 110 -26.69 -7.95 11.84
N GLY B 111 -27.45 -8.91 12.37
CA GLY B 111 -27.68 -10.17 11.69
C GLY B 111 -28.84 -10.07 10.70
N PRO B 112 -29.37 -11.23 10.30
CA PRO B 112 -30.38 -11.34 9.24
C PRO B 112 -31.60 -10.49 9.53
N GLU B 113 -31.92 -10.34 10.81
CA GLU B 113 -33.05 -9.52 11.24
C GLU B 113 -32.61 -8.11 11.68
N GLY B 114 -31.37 -7.74 11.39
CA GLY B 114 -30.90 -6.42 11.75
C GLY B 114 -30.44 -6.30 13.19
N LEU B 115 -30.19 -5.08 13.64
CA LEU B 115 -29.76 -4.82 15.01
C LEU B 115 -30.86 -4.95 16.07
N SER B 116 -30.50 -5.41 17.27
CA SER B 116 -31.45 -5.48 18.38
C SER B 116 -31.85 -4.08 18.84
N PRO B 117 -33.04 -3.94 19.43
CA PRO B 117 -33.46 -2.67 20.06
C PRO B 117 -32.43 -2.10 21.04
N ALA B 118 -31.80 -2.97 21.82
CA ALA B 118 -30.81 -2.55 22.79
C ALA B 118 -29.56 -1.97 22.12
N CYS B 119 -29.19 -2.54 20.97
CA CYS B 119 -27.98 -2.08 20.29
C CYS B 119 -28.20 -0.70 19.70
N LYS B 120 -29.37 -0.53 19.11
CA LYS B 120 -29.78 0.75 18.54
C LYS B 120 -29.87 1.78 19.63
N ALA B 121 -30.38 1.37 20.79
CA ALA B 121 -30.45 2.26 21.95
C ALA B 121 -29.07 2.64 22.47
N ALA B 122 -28.15 1.68 22.41
CA ALA B 122 -26.81 1.85 22.98
C ALA B 122 -25.87 2.70 22.13
N ALA B 123 -26.29 2.98 20.90
CA ALA B 123 -25.44 3.68 19.91
C ALA B 123 -25.13 5.14 20.28
N GLU B 124 -23.85 5.49 20.32
CA GLU B 124 -23.48 6.88 20.44
C GLU B 124 -23.53 7.58 19.07
N GLN B 125 -23.28 6.82 18.00
CA GLN B 125 -23.39 7.28 16.62
C GLN B 125 -23.92 6.13 15.78
N SER B 126 -24.58 6.46 14.68
CA SER B 126 -25.04 5.48 13.72
C SER B 126 -24.65 5.95 12.33
N TRP B 127 -24.20 5.00 11.53
CA TRP B 127 -23.52 5.29 10.28
C TRP B 127 -24.20 4.54 9.14
N SER B 128 -24.71 5.28 8.17
CA SER B 128 -25.37 4.66 7.00
C SER B 128 -24.43 4.60 5.79
N LEU B 129 -24.24 3.42 5.23
CA LEU B 129 -23.35 3.28 4.07
C LEU B 129 -24.03 3.62 2.75
N SER B 130 -25.36 3.55 2.73
CA SER B 130 -26.10 3.58 1.46
C SER B 130 -27.55 3.66 1.80
N ALA B 131 -28.37 4.15 0.88
CA ALA B 131 -29.81 3.98 1.06
C ALA B 131 -30.22 2.53 0.70
N LEU B 132 -29.33 1.78 0.06
CA LEU B 132 -29.61 0.39 -0.33
C LEU B 132 -29.56 -0.56 0.88
N THR B 133 -30.34 -1.64 0.77
CA THR B 133 -30.31 -2.73 1.73
C THR B 133 -29.12 -3.62 1.32
N LEU B 134 -28.05 -3.57 2.11
CA LEU B 134 -26.85 -4.28 1.74
C LEU B 134 -26.75 -5.64 2.45
N PRO B 135 -26.16 -6.63 1.77
CA PRO B 135 -26.01 -7.95 2.37
C PRO B 135 -24.87 -7.89 3.40
N HIS B 136 -24.99 -8.68 4.44
CA HIS B 136 -24.09 -8.57 5.58
C HIS B 136 -22.60 -8.69 5.17
N PRO B 137 -22.25 -9.61 4.26
CA PRO B 137 -20.85 -9.69 3.86
C PRO B 137 -20.30 -8.42 3.23
N LEU B 138 -21.10 -7.81 2.35
CA LEU B 138 -20.67 -6.60 1.68
C LEU B 138 -20.55 -5.42 2.65
N VAL B 139 -21.41 -5.37 3.66
CA VAL B 139 -21.27 -4.35 4.69
C VAL B 139 -19.87 -4.44 5.34
N ARG B 140 -19.42 -5.65 5.64
CA ARG B 140 -18.09 -5.86 6.23
C ARG B 140 -16.99 -5.29 5.36
N VAL B 141 -17.05 -5.57 4.05
CA VAL B 141 -16.03 -5.10 3.13
C VAL B 141 -16.07 -3.59 2.95
N LEU B 142 -17.27 -3.04 2.80
CA LEU B 142 -17.39 -1.60 2.63
C LEU B 142 -16.89 -0.85 3.88
N VAL B 143 -17.18 -1.36 5.07
CA VAL B 143 -16.67 -0.73 6.31
C VAL B 143 -15.13 -0.73 6.36
N ALA B 144 -14.53 -1.87 6.00
CA ALA B 144 -13.07 -1.99 6.03
C ALA B 144 -12.42 -1.03 5.03
N GLU B 145 -12.94 -1.00 3.80
CA GLU B 145 -12.35 -0.15 2.77
C GLU B 145 -12.50 1.34 3.08
N SER B 146 -13.70 1.73 3.50
CA SER B 146 -14.01 3.15 3.67
C SER B 146 -13.23 3.71 4.88
N LEU B 147 -13.08 2.89 5.91
CA LEU B 147 -12.25 3.27 7.05
C LEU B 147 -10.77 3.31 6.66
N TYR B 148 -10.35 2.38 5.81
CA TYR B 148 -8.98 2.38 5.30
C TYR B 148 -8.74 3.66 4.50
N ARG B 149 -9.70 4.00 3.63
CA ARG B 149 -9.61 5.23 2.84
C ARG B 149 -9.62 6.44 3.77
N ALA B 150 -10.47 6.41 4.80
CA ALA B 150 -10.48 7.49 5.78
C ALA B 150 -9.13 7.59 6.50
N TRP B 151 -8.56 6.45 6.85
CA TRP B 151 -7.26 6.45 7.51
C TRP B 151 -6.20 7.05 6.58
N SER B 152 -6.23 6.65 5.31
CA SER B 152 -5.19 7.11 4.39
C SER B 152 -5.25 8.62 4.18
N ILE B 153 -6.45 9.18 4.31
CA ILE B 153 -6.58 10.64 4.26
C ILE B 153 -5.93 11.32 5.46
N THR B 154 -6.13 10.75 6.65
CA THR B 154 -5.59 11.34 7.90
C THR B 154 -4.05 11.33 7.96
N THR B 155 -3.45 10.38 7.26
CA THR B 155 -2.00 10.21 7.28
C THR B 155 -1.34 10.61 5.95
N ASN B 156 -2.12 11.23 5.07
CA ASN B 156 -1.69 11.60 3.72
C ASN B 156 -0.98 10.47 2.96
N HIS B 157 -1.52 9.26 3.14
CA HIS B 157 -1.16 8.04 2.42
C HIS B 157 -1.63 8.11 0.95
N PRO B 158 -0.88 7.47 0.03
CA PRO B 158 -1.21 7.52 -1.40
C PRO B 158 -2.52 6.86 -1.86
N TYR B 159 -3.17 6.03 -1.04
CA TYR B 159 -4.35 5.27 -1.50
C TYR B 159 -5.52 6.16 -1.99
N HIS B 160 -5.84 7.19 -1.22
CA HIS B 160 -6.99 8.06 -1.50
C HIS B 160 -6.83 9.11 -2.61
N ARG B 161 -5.69 9.19 -3.30
CA ARG B 161 -5.55 10.31 -4.23
C ARG B 161 -5.80 9.84 -5.66
N GLU B 162 -6.07 10.80 -6.56
CA GLU B 162 -6.49 10.52 -7.93
C GLU B 162 -7.77 9.69 -7.85
N HIS C 6 0.63 -6.41 -21.31
CA HIS C 6 -0.76 -6.41 -20.86
C HIS C 6 -0.85 -5.81 -19.45
N HIS C 7 0.17 -6.07 -18.62
CA HIS C 7 0.31 -5.35 -17.35
C HIS C 7 1.40 -4.25 -17.41
N VAL C 8 1.86 -3.78 -16.24
CA VAL C 8 2.88 -2.73 -16.21
C VAL C 8 4.30 -3.25 -15.97
N LYS C 9 5.26 -2.64 -16.65
CA LYS C 9 6.65 -3.03 -16.57
C LYS C 9 7.49 -2.08 -15.71
N LEU C 10 8.35 -2.64 -14.86
CA LEU C 10 9.27 -1.83 -14.08
C LEU C 10 10.61 -1.89 -14.77
N GLN C 11 11.07 -0.77 -15.31
CA GLN C 11 12.30 -0.74 -16.09
C GLN C 11 13.37 0.13 -15.43
N LEU C 12 14.47 -0.51 -15.01
CA LEU C 12 15.55 0.21 -14.36
C LEU C 12 16.56 0.68 -15.41
N VAL C 13 16.63 1.99 -15.58
CA VAL C 13 17.56 2.61 -16.51
C VAL C 13 18.69 3.24 -15.70
N ALA C 14 19.88 2.65 -15.80
CA ALA C 14 20.99 3.02 -14.93
C ALA C 14 22.29 3.19 -15.71
N VAL C 15 23.04 4.25 -15.40
CA VAL C 15 24.34 4.44 -16.02
C VAL C 15 25.34 3.47 -15.41
N GLY C 16 26.04 2.73 -16.27
CA GLY C 16 27.03 1.79 -15.81
C GLY C 16 26.75 0.36 -16.23
N THR C 17 27.81 -0.35 -16.58
CA THR C 17 27.68 -1.65 -17.24
C THR C 17 28.53 -2.72 -16.56
N LYS C 18 29.42 -2.30 -15.66
CA LYS C 18 30.34 -3.26 -15.04
C LYS C 18 30.17 -3.31 -13.51
N MET C 19 29.09 -3.94 -13.04
CA MET C 19 28.85 -4.10 -11.61
C MET C 19 29.80 -5.13 -11.01
N PRO C 20 30.28 -4.90 -9.77
CA PRO C 20 31.07 -5.96 -9.13
C PRO C 20 30.21 -7.22 -9.02
N ASP C 21 30.82 -8.39 -8.93
CA ASP C 21 30.04 -9.63 -8.98
C ASP C 21 28.99 -9.78 -7.88
N TRP C 22 29.36 -9.44 -6.65
CA TRP C 22 28.45 -9.60 -5.52
C TRP C 22 27.23 -8.73 -5.68
N VAL C 23 27.44 -7.57 -6.30
CA VAL C 23 26.36 -6.64 -6.60
C VAL C 23 25.40 -7.23 -7.61
N GLN C 24 25.95 -7.85 -8.65
CA GLN C 24 25.13 -8.50 -9.66
C GLN C 24 24.40 -9.72 -9.10
N THR C 25 25.06 -10.48 -8.23
CA THR C 25 24.43 -11.60 -7.58
C THR C 25 23.24 -11.17 -6.72
N GLY C 26 23.47 -10.14 -5.91
CA GLY C 26 22.42 -9.60 -5.06
C GLY C 26 21.24 -9.02 -5.81
N PHE C 27 21.56 -8.25 -6.86
CA PHE C 27 20.55 -7.63 -7.72
C PHE C 27 19.68 -8.70 -8.42
N THR C 28 20.36 -9.71 -8.98
CA THR C 28 19.67 -10.79 -9.65
C THR C 28 18.82 -11.60 -8.64
N GLU C 29 19.32 -11.79 -7.43
CA GLU C 29 18.55 -12.53 -6.43
C GLU C 29 17.17 -11.92 -6.12
N TYR C 30 17.08 -10.60 -6.08
CA TYR C 30 15.79 -9.95 -5.89
C TYR C 30 15.00 -9.94 -7.19
N LEU C 31 15.66 -9.56 -8.28
CA LEU C 31 15.01 -9.52 -9.60
C LEU C 31 14.35 -10.88 -9.92
N ARG C 32 15.06 -11.97 -9.63
CA ARG C 32 14.56 -13.29 -9.95
C ARG C 32 13.32 -13.65 -9.14
N ARG C 33 13.09 -12.93 -8.04
CA ARG C 33 11.94 -13.22 -7.19
C ARG C 33 10.66 -12.52 -7.64
N PHE C 34 10.76 -11.58 -8.57
CA PHE C 34 9.59 -10.89 -9.06
C PHE C 34 8.67 -11.83 -9.85
N PRO C 35 7.36 -11.71 -9.67
CA PRO C 35 6.36 -12.57 -10.32
C PRO C 35 6.22 -12.30 -11.83
N LYS C 36 5.59 -13.22 -12.54
CA LYS C 36 5.43 -13.09 -13.99
C LYS C 36 4.56 -11.88 -14.36
N ASP C 37 3.62 -11.52 -13.48
CA ASP C 37 2.69 -10.44 -13.75
C ASP C 37 3.23 -9.06 -13.34
N MET C 38 4.44 -9.04 -12.80
CA MET C 38 5.18 -7.79 -12.59
C MET C 38 6.63 -7.88 -13.07
N PRO C 39 6.86 -7.65 -14.37
CA PRO C 39 8.22 -7.81 -14.89
C PRO C 39 9.17 -6.71 -14.42
N PHE C 40 10.33 -7.11 -13.91
CA PHE C 40 11.39 -6.21 -13.48
C PHE C 40 12.61 -6.42 -14.38
N GLU C 41 13.02 -5.40 -15.13
CA GLU C 41 14.13 -5.56 -16.10
C GLU C 41 15.21 -4.48 -15.98
N LEU C 42 16.44 -4.83 -16.38
CA LEU C 42 17.55 -3.87 -16.27
C LEU C 42 18.01 -3.38 -17.65
N ILE C 43 18.07 -2.06 -17.81
CA ILE C 43 18.67 -1.44 -19.00
C ILE C 43 19.92 -0.67 -18.62
N GLU C 44 21.06 -1.13 -19.11
CA GLU C 44 22.33 -0.50 -18.79
C GLU C 44 22.79 0.48 -19.87
N ILE C 45 22.95 1.75 -19.49
CA ILE C 45 23.55 2.74 -20.36
C ILE C 45 25.04 2.81 -20.07
N PRO C 46 25.88 2.71 -21.10
CA PRO C 46 27.33 2.80 -20.84
C PRO C 46 27.71 4.14 -20.26
N ALA C 47 28.62 4.13 -19.29
CA ALA C 47 29.09 5.35 -18.64
C ALA C 47 30.00 6.14 -19.54
N GLY C 48 29.90 7.47 -19.49
CA GLY C 48 30.78 8.31 -20.27
C GLY C 48 32.19 8.23 -19.72
N LYS C 49 33.17 8.26 -20.59
CA LYS C 49 34.57 8.24 -20.17
C LYS C 49 34.90 9.54 -19.46
N ARG C 50 35.32 9.46 -18.21
CA ARG C 50 35.67 10.65 -17.44
C ARG C 50 37.16 10.96 -17.56
N GLY C 51 37.45 12.25 -17.61
CA GLY C 51 38.81 12.71 -17.80
C GLY C 51 39.04 14.07 -17.19
N LYS C 52 40.31 14.42 -17.10
CA LYS C 52 40.74 15.70 -16.55
C LYS C 52 40.17 16.88 -17.33
N ASN C 53 40.16 16.75 -18.66
CA ASN C 53 39.70 17.81 -19.57
C ASN C 53 38.32 17.59 -20.21
N ALA C 54 37.67 16.47 -19.92
CA ALA C 54 36.38 16.19 -20.56
C ALA C 54 35.33 17.09 -19.93
N ASP C 55 34.48 17.66 -20.80
CA ASP C 55 33.46 18.57 -20.35
C ASP C 55 32.28 17.78 -19.82
N ILE C 56 32.14 17.77 -18.50
CA ILE C 56 31.14 16.94 -17.85
C ILE C 56 29.73 17.32 -18.31
N LYS C 57 29.47 18.60 -18.57
CA LYS C 57 28.12 19.00 -18.98
C LYS C 57 27.74 18.23 -20.23
N ARG C 58 28.66 18.13 -21.18
CA ARG C 58 28.38 17.38 -22.39
C ARG C 58 28.36 15.87 -22.11
N ILE C 59 29.29 15.39 -21.29
CA ILE C 59 29.36 13.96 -20.97
C ILE C 59 28.10 13.50 -20.24
N LEU C 60 27.68 14.31 -19.27
CA LEU C 60 26.49 14.06 -18.46
C LEU C 60 25.25 14.10 -19.35
N ASP C 61 25.22 15.05 -20.29
CA ASP C 61 24.09 15.16 -21.21
C ASP C 61 23.98 13.94 -22.11
N LYS C 62 25.11 13.41 -22.56
CA LYS C 62 25.07 12.23 -23.42
C LYS C 62 24.53 11.02 -22.68
N GLU C 63 24.85 10.90 -21.40
CA GLU C 63 24.29 9.83 -20.59
C GLU C 63 22.79 9.98 -20.49
N GLY C 64 22.35 11.18 -20.14
CA GLY C 64 20.94 11.47 -19.95
C GLY C 64 20.11 11.26 -21.20
N GLU C 65 20.63 11.70 -22.34
CA GLU C 65 19.94 11.50 -23.62
C GLU C 65 19.70 10.03 -23.92
N GLN C 66 20.72 9.21 -23.69
CA GLN C 66 20.58 7.77 -23.85
C GLN C 66 19.53 7.23 -22.85
N MET C 67 19.57 7.72 -21.60
CA MET C 67 18.60 7.30 -20.57
C MET C 67 17.16 7.67 -20.93
N LEU C 68 16.96 8.92 -21.32
CA LEU C 68 15.64 9.43 -21.68
C LEU C 68 15.12 8.74 -22.96
N ALA C 69 16.06 8.30 -23.79
CA ALA C 69 15.73 7.54 -25.00
C ALA C 69 15.26 6.14 -24.64
N ALA C 70 15.85 5.55 -23.60
CA ALA C 70 15.47 4.23 -23.13
C ALA C 70 14.06 4.25 -22.54
N ALA C 71 13.75 5.32 -21.81
CA ALA C 71 12.47 5.47 -21.15
C ALA C 71 11.30 5.57 -22.13
N GLY C 72 11.49 6.27 -23.24
CA GLY C 72 10.43 6.45 -24.22
C GLY C 72 9.28 7.27 -23.68
N LYS C 73 8.07 6.74 -23.76
CA LYS C 73 6.90 7.43 -23.21
C LYS C 73 6.56 6.95 -21.81
N ASN C 74 7.46 6.14 -21.22
CA ASN C 74 7.26 5.61 -19.87
C ASN C 74 7.09 6.69 -18.82
N ARG C 75 6.42 6.35 -17.72
CA ARG C 75 6.45 7.21 -16.55
C ARG C 75 7.88 7.26 -16.07
N ILE C 76 8.40 8.47 -15.88
CA ILE C 76 9.79 8.64 -15.47
C ILE C 76 9.92 8.94 -13.99
N VAL C 77 10.60 8.05 -13.29
CA VAL C 77 10.86 8.22 -11.86
C VAL C 77 12.35 8.21 -11.64
N THR C 78 12.87 9.32 -11.09
CA THR C 78 14.30 9.43 -10.80
C THR C 78 14.64 8.98 -9.38
N LEU C 79 15.75 8.26 -9.28
CA LEU C 79 16.36 8.04 -7.99
C LEU C 79 17.30 9.22 -7.78
N ASP C 80 17.02 10.03 -6.78
CA ASP C 80 17.84 11.20 -6.54
C ASP C 80 17.84 11.48 -5.06
N ILE C 81 18.99 11.94 -4.52
CA ILE C 81 19.04 12.28 -3.11
C ILE C 81 17.94 13.27 -2.68
N PRO C 82 17.64 14.28 -3.52
CA PRO C 82 16.57 15.17 -3.04
C PRO C 82 15.13 14.70 -3.36
N GLY C 83 14.93 13.44 -3.70
CA GLY C 83 13.57 13.00 -3.97
C GLY C 83 12.72 12.86 -2.73
N LYS C 84 11.55 12.27 -2.88
CA LYS C 84 10.67 11.99 -1.75
C LYS C 84 11.20 10.81 -0.92
N PRO C 85 11.33 10.99 0.40
CA PRO C 85 11.79 9.90 1.27
C PRO C 85 10.67 8.90 1.58
N TRP C 86 10.21 8.18 0.57
CA TRP C 86 9.13 7.21 0.74
C TRP C 86 9.46 6.16 1.80
N ASP C 87 8.55 5.93 2.73
CA ASP C 87 8.74 4.78 3.61
C ASP C 87 8.19 3.58 2.85
N THR C 88 8.36 2.37 3.40
CA THR C 88 7.98 1.16 2.64
C THR C 88 6.47 1.05 2.36
N PRO C 89 5.59 1.39 3.34
CA PRO C 89 4.15 1.42 3.01
C PRO C 89 3.79 2.40 1.87
N GLN C 90 4.43 3.55 1.85
CA GLN C 90 4.19 4.54 0.81
C GLN C 90 4.58 4.00 -0.56
N LEU C 91 5.70 3.30 -0.60
CA LEU C 91 6.19 2.73 -1.83
C LEU C 91 5.26 1.64 -2.38
N ALA C 92 4.65 0.87 -1.48
CA ALA C 92 3.73 -0.16 -1.92
C ALA C 92 2.53 0.49 -2.56
N ALA C 93 2.06 1.56 -1.91
CA ALA C 93 0.94 2.34 -2.41
C ALA C 93 1.28 3.01 -3.73
N GLU C 94 2.53 3.48 -3.89
CA GLU C 94 2.95 4.08 -5.15
C GLU C 94 2.96 3.05 -6.27
N LEU C 95 3.49 1.87 -5.96
CA LEU C 95 3.54 0.75 -6.90
C LEU C 95 2.15 0.33 -7.38
N GLU C 96 1.18 0.39 -6.47
CA GLU C 96 -0.17 0.03 -6.81
C GLU C 96 -0.79 1.08 -7.73
N ARG C 97 -0.42 2.34 -7.52
CA ARG C 97 -0.86 3.41 -8.40
C ARG C 97 -0.26 3.31 -9.81
N TRP C 98 0.99 2.87 -9.93
CA TRP C 98 1.60 2.70 -11.23
C TRP C 98 0.91 1.58 -12.01
N LYS C 99 0.51 0.53 -11.29
CA LYS C 99 -0.13 -0.62 -11.93
C LYS C 99 -1.48 -0.21 -12.46
N LEU C 100 -2.21 0.56 -11.67
CA LEU C 100 -3.53 1.04 -12.07
C LEU C 100 -3.46 1.99 -13.26
N ASP C 101 -2.45 2.87 -13.26
CA ASP C 101 -2.25 3.87 -14.29
C ASP C 101 -2.05 3.27 -15.70
N GLY C 102 -1.30 2.18 -15.76
CA GLY C 102 -1.13 1.46 -17.02
C GLY C 102 0.14 1.74 -17.80
N ARG C 103 0.85 2.82 -17.47
CA ARG C 103 2.13 3.04 -18.14
C ARG C 103 3.24 2.24 -17.47
N ASP C 104 4.16 1.73 -18.29
CA ASP C 104 5.36 1.12 -17.77
C ASP C 104 6.16 2.18 -17.02
N VAL C 105 6.96 1.78 -16.04
CA VAL C 105 7.69 2.75 -15.25
C VAL C 105 9.20 2.64 -15.49
N SER C 106 9.83 3.75 -15.85
CA SER C 106 11.28 3.78 -15.99
C SER C 106 11.90 4.45 -14.76
N LEU C 107 12.74 3.70 -14.04
CA LEU C 107 13.42 4.23 -12.87
C LEU C 107 14.87 4.58 -13.20
N LEU C 108 15.21 5.85 -13.03
CA LEU C 108 16.46 6.38 -13.53
C LEU C 108 17.52 6.48 -12.45
N ILE C 109 18.65 5.82 -12.65
CA ILE C 109 19.80 5.92 -11.75
C ILE C 109 20.97 6.53 -12.51
N GLY C 110 21.43 7.68 -12.04
CA GLY C 110 22.48 8.40 -12.74
C GLY C 110 23.85 7.77 -12.54
N GLY C 111 24.82 8.21 -13.32
CA GLY C 111 26.17 7.71 -13.15
C GLY C 111 26.88 8.47 -12.04
N PRO C 112 28.21 8.35 -11.99
CA PRO C 112 29.07 8.89 -10.94
C PRO C 112 28.88 10.39 -10.77
N GLU C 113 28.53 11.07 -11.85
CA GLU C 113 28.33 12.50 -11.79
C GLU C 113 26.86 12.86 -11.61
N GLY C 114 26.04 11.85 -11.29
CA GLY C 114 24.64 12.08 -11.06
C GLY C 114 23.83 12.10 -12.34
N LEU C 115 22.57 12.51 -12.21
CA LEU C 115 21.66 12.65 -13.34
C LEU C 115 21.88 13.94 -14.14
N SER C 116 21.66 13.86 -15.45
CA SER C 116 21.72 15.03 -16.31
C SER C 116 20.57 15.96 -15.96
N PRO C 117 20.75 17.27 -16.17
CA PRO C 117 19.67 18.25 -15.96
C PRO C 117 18.37 17.84 -16.65
N ALA C 118 18.50 17.27 -17.85
CA ALA C 118 17.38 16.83 -18.66
C ALA C 118 16.61 15.69 -18.02
N CYS C 119 17.34 14.82 -17.33
CA CYS C 119 16.73 13.67 -16.70
C CYS C 119 15.94 14.12 -15.48
N LYS C 120 16.52 15.05 -14.72
CA LYS C 120 15.85 15.62 -13.57
C LYS C 120 14.60 16.40 -13.98
N ALA C 121 14.69 17.13 -15.09
CA ALA C 121 13.56 17.86 -15.61
C ALA C 121 12.47 16.92 -16.07
N ALA C 122 12.88 15.79 -16.63
CA ALA C 122 11.92 14.84 -17.21
C ALA C 122 11.18 14.02 -16.14
N ALA C 123 11.61 14.13 -14.89
CA ALA C 123 11.06 13.30 -13.81
C ALA C 123 9.59 13.65 -13.50
N GLU C 124 8.71 12.65 -13.60
CA GLU C 124 7.32 12.81 -13.17
C GLU C 124 7.25 12.63 -11.66
N GLN C 125 8.15 11.81 -11.14
CA GLN C 125 8.34 11.64 -9.72
C GLN C 125 9.82 11.45 -9.42
N SER C 126 10.22 11.79 -8.21
CA SER C 126 11.59 11.59 -7.76
C SER C 126 11.57 10.90 -6.40
N TRP C 127 12.49 9.95 -6.20
CA TRP C 127 12.45 9.06 -5.05
C TRP C 127 13.80 9.07 -4.34
N SER C 128 13.81 9.47 -3.08
CA SER C 128 15.06 9.46 -2.33
C SER C 128 15.18 8.23 -1.44
N LEU C 129 16.28 7.49 -1.59
CA LEU C 129 16.52 6.28 -0.77
C LEU C 129 17.11 6.56 0.61
N SER C 130 17.75 7.71 0.75
CA SER C 130 18.61 7.97 1.89
C SER C 130 19.07 9.42 1.79
N ALA C 131 19.42 10.03 2.91
CA ALA C 131 20.12 11.32 2.90
C ALA C 131 21.59 11.09 2.55
N LEU C 132 22.04 9.84 2.63
CA LEU C 132 23.42 9.50 2.31
C LEU C 132 23.67 9.54 0.81
N THR C 133 24.91 9.83 0.44
CA THR C 133 25.34 9.65 -0.94
C THR C 133 25.74 8.22 -1.19
N LEU C 134 24.90 7.50 -1.91
CA LEU C 134 25.08 6.08 -2.11
C LEU C 134 25.82 5.80 -3.43
N PRO C 135 26.68 4.77 -3.47
CA PRO C 135 27.32 4.47 -4.75
C PRO C 135 26.33 3.80 -5.68
N HIS C 136 26.32 4.12 -6.97
CA HIS C 136 25.22 3.63 -7.82
C HIS C 136 25.07 2.09 -7.91
N PRO C 137 26.17 1.30 -7.81
CA PRO C 137 25.91 -0.15 -7.80
C PRO C 137 24.97 -0.57 -6.67
N LEU C 138 25.17 -0.01 -5.49
CA LEU C 138 24.32 -0.33 -4.35
C LEU C 138 22.89 0.22 -4.52
N VAL C 139 22.74 1.37 -5.16
CA VAL C 139 21.40 1.88 -5.45
C VAL C 139 20.58 0.85 -6.24
N ARG C 140 21.21 0.18 -7.20
CA ARG C 140 20.54 -0.87 -7.96
C ARG C 140 19.96 -1.97 -7.07
N VAL C 141 20.76 -2.42 -6.11
CA VAL C 141 20.33 -3.49 -5.23
C VAL C 141 19.21 -3.01 -4.32
N LEU C 142 19.36 -1.81 -3.79
CA LEU C 142 18.35 -1.24 -2.92
C LEU C 142 17.01 -1.03 -3.61
N VAL C 143 17.06 -0.55 -4.84
CA VAL C 143 15.82 -0.36 -5.61
C VAL C 143 15.11 -1.70 -5.81
N ALA C 144 15.88 -2.71 -6.16
CA ALA C 144 15.33 -4.02 -6.45
C ALA C 144 14.67 -4.61 -5.20
N GLU C 145 15.41 -4.53 -4.09
CA GLU C 145 14.96 -5.07 -2.81
C GLU C 145 13.73 -4.35 -2.27
N SER C 146 13.75 -3.03 -2.32
CA SER C 146 12.67 -2.27 -1.74
C SER C 146 11.40 -2.39 -2.61
N LEU C 147 11.57 -2.48 -3.93
CA LEU C 147 10.39 -2.69 -4.79
C LEU C 147 9.85 -4.10 -4.56
N TYR C 148 10.76 -5.04 -4.37
CA TYR C 148 10.36 -6.39 -4.04
C TYR C 148 9.60 -6.41 -2.71
N ARG C 149 10.10 -5.68 -1.73
CA ARG C 149 9.43 -5.59 -0.42
C ARG C 149 8.08 -4.92 -0.56
N ALA C 150 8.05 -3.84 -1.33
CA ALA C 150 6.76 -3.17 -1.62
C ALA C 150 5.80 -4.14 -2.30
N TRP C 151 6.31 -4.91 -3.27
CA TRP C 151 5.44 -5.85 -3.96
C TRP C 151 4.88 -6.91 -2.99
N SER C 152 5.73 -7.45 -2.13
CA SER C 152 5.31 -8.53 -1.26
C SER C 152 4.21 -8.06 -0.30
N ILE C 153 4.22 -6.78 0.05
CA ILE C 153 3.13 -6.20 0.83
C ILE C 153 1.81 -6.22 0.04
N THR C 154 1.89 -5.91 -1.24
CA THR C 154 0.69 -5.84 -2.05
C THR C 154 0.05 -7.23 -2.22
N THR C 155 0.84 -8.29 -2.20
CA THR C 155 0.33 -9.64 -2.43
C THR C 155 0.33 -10.50 -1.17
N ASN C 156 0.60 -9.87 -0.02
CA ASN C 156 0.80 -10.55 1.27
C ASN C 156 1.78 -11.73 1.19
N HIS C 157 2.87 -11.57 0.42
CA HIS C 157 3.98 -12.51 0.49
C HIS C 157 4.69 -12.28 1.83
N PRO C 158 5.16 -13.35 2.50
CA PRO C 158 5.74 -13.27 3.84
C PRO C 158 7.02 -12.42 4.02
N TYR C 159 7.68 -12.03 2.94
CA TYR C 159 8.97 -11.34 3.00
C TYR C 159 8.96 -10.06 3.85
N HIS C 160 7.89 -9.28 3.75
CA HIS C 160 7.81 -7.98 4.43
C HIS C 160 7.67 -8.13 5.95
N ARG C 161 7.63 -9.36 6.44
CA ARG C 161 7.46 -9.66 7.86
C ARG C 161 8.81 -10.13 8.43
N GLU C 162 9.80 -10.23 7.54
CA GLU C 162 11.15 -10.68 7.85
C GLU C 162 12.18 -9.56 7.74
N HIS D 6 46.28 3.79 21.01
CA HIS D 6 44.85 3.69 21.23
C HIS D 6 44.00 4.76 20.54
N HIS D 7 43.51 4.44 19.35
CA HIS D 7 42.47 5.25 18.72
C HIS D 7 41.12 4.50 18.86
N VAL D 8 40.00 5.16 18.56
CA VAL D 8 38.69 4.53 18.75
C VAL D 8 38.31 3.46 17.71
N LYS D 9 37.68 2.40 18.21
CA LYS D 9 37.32 1.24 17.42
C LYS D 9 35.83 1.29 17.07
N LEU D 10 35.50 0.95 15.82
CA LEU D 10 34.11 0.91 15.38
C LEU D 10 33.61 -0.52 15.38
N GLN D 11 32.64 -0.81 16.25
CA GLN D 11 32.16 -2.17 16.43
C GLN D 11 30.71 -2.33 16.02
N LEU D 12 30.50 -3.12 14.97
CA LEU D 12 29.17 -3.39 14.47
C LEU D 12 28.62 -4.58 15.20
N VAL D 13 27.62 -4.35 16.03
CA VAL D 13 26.98 -5.44 16.77
C VAL D 13 25.65 -5.74 16.09
N ALA D 14 25.55 -6.92 15.48
CA ALA D 14 24.44 -7.20 14.59
C ALA D 14 23.86 -8.59 14.81
N VAL D 15 22.54 -8.66 14.88
CA VAL D 15 21.85 -9.94 15.01
C VAL D 15 21.89 -10.73 13.69
N GLY D 16 22.30 -11.99 13.75
CA GLY D 16 22.31 -12.83 12.57
C GLY D 16 23.72 -13.29 12.27
N THR D 17 23.85 -14.55 11.83
CA THR D 17 25.16 -15.16 11.76
C THR D 17 25.52 -15.76 10.41
N LYS D 18 24.53 -15.94 9.55
CA LYS D 18 24.77 -16.56 8.27
C LYS D 18 24.32 -15.64 7.15
N MET D 19 25.13 -14.63 6.84
CA MET D 19 24.81 -13.73 5.74
C MET D 19 24.90 -14.47 4.42
N PRO D 20 24.07 -14.09 3.45
CA PRO D 20 24.15 -14.64 2.09
C PRO D 20 25.55 -14.38 1.51
N ASP D 21 26.00 -15.17 0.55
CA ASP D 21 27.37 -15.04 0.07
C ASP D 21 27.69 -13.67 -0.49
N TRP D 22 26.79 -13.13 -1.30
CA TRP D 22 27.02 -11.84 -1.95
C TRP D 22 27.10 -10.72 -0.92
N VAL D 23 26.36 -10.87 0.17
CA VAL D 23 26.38 -9.91 1.27
C VAL D 23 27.71 -9.85 2.05
N GLN D 24 28.23 -11.02 2.41
CA GLN D 24 29.51 -11.08 3.12
C GLN D 24 30.68 -10.62 2.22
N THR D 25 30.60 -10.96 0.93
CA THR D 25 31.59 -10.48 -0.04
C THR D 25 31.58 -8.96 -0.10
N GLY D 26 30.39 -8.39 -0.25
CA GLY D 26 30.24 -6.96 -0.31
C GLY D 26 30.65 -6.30 0.99
N PHE D 27 30.24 -6.90 2.10
CA PHE D 27 30.57 -6.37 3.42
C PHE D 27 32.08 -6.37 3.65
N THR D 28 32.73 -7.47 3.31
CA THR D 28 34.18 -7.59 3.47
C THR D 28 34.92 -6.65 2.53
N GLU D 29 34.35 -6.44 1.35
CA GLU D 29 34.92 -5.52 0.36
C GLU D 29 35.11 -4.14 0.98
N TYR D 30 34.14 -3.68 1.76
CA TYR D 30 34.29 -2.39 2.43
C TYR D 30 35.13 -2.43 3.68
N LEU D 31 34.87 -3.40 4.55
CA LEU D 31 35.56 -3.52 5.82
C LEU D 31 37.06 -3.51 5.64
N ARG D 32 37.56 -4.25 4.65
CA ARG D 32 39.00 -4.33 4.45
C ARG D 32 39.59 -3.01 3.95
N ARG D 33 38.77 -2.13 3.43
CA ARG D 33 39.27 -0.86 2.91
C ARG D 33 39.36 0.16 4.04
N PHE D 34 38.82 -0.18 5.20
CA PHE D 34 38.93 0.69 6.38
C PHE D 34 40.38 0.76 6.83
N PRO D 35 40.82 1.95 7.27
CA PRO D 35 42.22 2.09 7.67
C PRO D 35 42.55 1.32 8.95
N LYS D 36 43.83 1.04 9.17
CA LYS D 36 44.26 0.31 10.35
C LYS D 36 44.00 1.10 11.65
N ASP D 37 44.04 2.43 11.53
CA ASP D 37 43.91 3.33 12.67
C ASP D 37 42.48 3.69 13.03
N MET D 38 41.54 3.21 12.23
CA MET D 38 40.13 3.21 12.63
C MET D 38 39.58 1.82 12.31
N PRO D 39 39.87 0.85 13.18
CA PRO D 39 39.50 -0.54 12.89
C PRO D 39 37.99 -0.80 13.00
N PHE D 40 37.47 -1.47 11.97
CA PHE D 40 36.06 -1.83 11.82
C PHE D 40 35.88 -3.33 11.97
N GLU D 41 35.15 -3.75 13.01
CA GLU D 41 35.01 -5.18 13.29
C GLU D 41 33.56 -5.56 13.47
N LEU D 42 33.29 -6.82 13.14
CA LEU D 42 31.93 -7.31 13.17
C LEU D 42 31.71 -8.27 14.33
N ILE D 43 30.68 -7.98 15.12
CA ILE D 43 30.22 -8.90 16.18
C ILE D 43 28.81 -9.42 15.84
N GLU D 44 28.71 -10.72 15.60
CA GLU D 44 27.43 -11.32 15.27
C GLU D 44 26.73 -11.93 16.49
N ILE D 45 25.55 -11.40 16.80
CA ILE D 45 24.69 -12.01 17.82
C ILE D 45 23.73 -12.99 17.15
N PRO D 46 23.66 -14.23 17.67
CA PRO D 46 22.76 -15.21 17.03
C PRO D 46 21.31 -14.79 17.10
N ALA D 47 20.58 -14.98 16.02
CA ALA D 47 19.17 -14.62 16.01
C ALA D 47 18.37 -15.64 16.80
N GLY D 48 17.35 -15.17 17.52
CA GLY D 48 16.46 -16.09 18.20
C GLY D 48 15.55 -16.78 17.18
N LYS D 49 15.24 -18.05 17.39
CA LYS D 49 14.31 -18.73 16.50
C LYS D 49 12.90 -18.17 16.70
N ARG D 50 12.34 -17.57 15.65
CA ARG D 50 10.98 -17.09 15.74
C ARG D 50 10.11 -18.22 15.18
N GLY D 51 8.98 -18.47 15.81
CA GLY D 51 8.11 -19.55 15.38
C GLY D 51 6.73 -19.37 15.95
N LYS D 52 5.75 -20.14 15.45
CA LYS D 52 4.44 -20.15 16.07
C LYS D 52 4.64 -20.65 17.48
N ASN D 53 4.03 -19.95 18.44
CA ASN D 53 4.09 -20.21 19.89
C ASN D 53 5.37 -19.72 20.59
N ALA D 54 6.35 -19.20 19.86
CA ALA D 54 7.53 -18.64 20.51
C ALA D 54 7.16 -17.25 20.99
N ASP D 55 7.57 -16.87 22.20
CA ASP D 55 7.28 -15.51 22.66
C ASP D 55 8.31 -14.53 22.14
N ILE D 56 7.86 -13.69 21.21
CA ILE D 56 8.73 -12.74 20.53
C ILE D 56 9.38 -11.79 21.51
N LYS D 57 8.63 -11.41 22.54
CA LYS D 57 9.13 -10.46 23.52
C LYS D 57 10.36 -11.01 24.22
N ARG D 58 10.28 -12.28 24.64
CA ARG D 58 11.40 -12.89 25.35
C ARG D 58 12.61 -13.12 24.44
N ILE D 59 12.35 -13.55 23.21
CA ILE D 59 13.40 -13.80 22.23
C ILE D 59 14.17 -12.52 21.94
N LEU D 60 13.41 -11.44 21.75
CA LEU D 60 13.94 -10.13 21.44
C LEU D 60 14.74 -9.56 22.60
N ASP D 61 14.24 -9.73 23.83
CA ASP D 61 14.96 -9.22 24.98
C ASP D 61 16.31 -9.90 25.10
N LYS D 62 16.30 -11.20 24.83
CA LYS D 62 17.49 -12.03 24.91
C LYS D 62 18.52 -11.62 23.86
N GLU D 63 18.04 -11.20 22.67
CA GLU D 63 18.91 -10.64 21.64
C GLU D 63 19.50 -9.33 22.12
N GLY D 64 18.66 -8.46 22.67
CA GLY D 64 19.14 -7.19 23.14
C GLY D 64 20.18 -7.33 24.24
N GLU D 65 19.93 -8.23 25.18
CA GLU D 65 20.87 -8.46 26.27
C GLU D 65 22.25 -8.90 25.76
N GLN D 66 22.29 -9.84 24.83
CA GLN D 66 23.56 -10.21 24.19
C GLN D 66 24.23 -9.04 23.47
N MET D 67 23.44 -8.22 22.77
CA MET D 67 24.00 -7.07 22.06
C MET D 67 24.62 -6.12 23.05
N LEU D 68 23.90 -5.80 24.12
CA LEU D 68 24.37 -4.84 25.10
C LEU D 68 25.58 -5.33 25.86
N ALA D 69 25.71 -6.66 25.98
CA ALA D 69 26.89 -7.21 26.64
C ALA D 69 28.09 -7.00 25.73
N ALA D 70 27.87 -7.14 24.43
CA ALA D 70 28.93 -6.95 23.48
C ALA D 70 29.38 -5.49 23.49
N ALA D 71 28.41 -4.57 23.58
CA ALA D 71 28.70 -3.13 23.60
C ALA D 71 29.52 -2.69 24.83
N GLY D 72 29.22 -3.26 26.01
CA GLY D 72 29.97 -2.92 27.20
C GLY D 72 29.80 -1.45 27.58
N LYS D 73 30.92 -0.75 27.70
CA LYS D 73 30.96 0.66 28.07
C LYS D 73 31.00 1.59 26.86
N ASN D 74 30.96 1.03 25.66
CA ASN D 74 31.05 1.80 24.44
C ASN D 74 29.99 2.87 24.27
N ARG D 75 30.32 3.87 23.45
CA ARG D 75 29.29 4.76 22.94
C ARG D 75 28.34 3.88 22.13
N ILE D 76 27.06 3.93 22.46
CA ILE D 76 26.09 3.09 21.77
C ILE D 76 25.28 3.87 20.74
N VAL D 77 25.36 3.47 19.48
CA VAL D 77 24.60 4.11 18.40
C VAL D 77 23.71 3.07 17.72
N THR D 78 22.40 3.28 17.71
CA THR D 78 21.53 2.32 17.08
C THR D 78 21.29 2.68 15.63
N LEU D 79 21.25 1.68 14.78
CA LEU D 79 20.69 1.84 13.43
C LEU D 79 19.23 1.56 13.58
N ASP D 80 18.40 2.57 13.35
CA ASP D 80 16.94 2.42 13.46
C ASP D 80 16.25 3.34 12.44
N ILE D 81 15.16 2.86 11.86
CA ILE D 81 14.40 3.67 10.89
C ILE D 81 14.00 5.05 11.40
N PRO D 82 13.61 5.17 12.72
CA PRO D 82 13.28 6.51 13.21
C PRO D 82 14.48 7.29 13.78
N GLY D 83 15.70 6.88 13.49
CA GLY D 83 16.89 7.61 13.95
C GLY D 83 17.10 8.89 13.16
N LYS D 84 18.27 9.52 13.35
CA LYS D 84 18.62 10.74 12.61
C LYS D 84 19.01 10.41 11.18
N PRO D 85 18.35 11.05 10.19
CA PRO D 85 18.70 10.76 8.80
C PRO D 85 19.97 11.49 8.37
N TRP D 86 21.10 11.10 8.95
CA TRP D 86 22.37 11.71 8.62
C TRP D 86 22.69 11.63 7.13
N ASP D 87 23.03 12.77 6.56
CA ASP D 87 23.58 12.75 5.23
C ASP D 87 25.06 12.44 5.38
N THR D 88 25.75 12.33 4.25
CA THR D 88 27.16 11.92 4.27
C THR D 88 28.13 12.90 4.96
N PRO D 89 28.03 14.21 4.66
CA PRO D 89 28.86 15.12 5.45
C PRO D 89 28.59 15.01 6.96
N GLN D 90 27.32 14.87 7.34
CA GLN D 90 27.00 14.78 8.76
C GLN D 90 27.63 13.54 9.39
N LEU D 91 27.68 12.45 8.66
CA LEU D 91 28.30 11.24 9.17
C LEU D 91 29.82 11.42 9.36
N ALA D 92 30.46 12.19 8.50
CA ALA D 92 31.89 12.49 8.62
C ALA D 92 32.13 13.27 9.91
N ALA D 93 31.19 14.17 10.19
CA ALA D 93 31.19 14.96 11.42
C ALA D 93 30.98 14.12 12.68
N GLU D 94 30.07 13.16 12.60
CA GLU D 94 29.79 12.26 13.73
C GLU D 94 30.98 11.37 14.03
N LEU D 95 31.60 10.89 12.96
CA LEU D 95 32.76 10.04 13.03
C LEU D 95 33.90 10.77 13.76
N GLU D 96 34.02 12.08 13.52
CA GLU D 96 34.99 12.93 14.23
C GLU D 96 34.62 13.16 15.67
N ARG D 97 33.31 13.26 15.91
CA ARG D 97 32.79 13.48 17.25
C ARG D 97 33.15 12.28 18.11
N TRP D 98 33.05 11.10 17.50
CA TRP D 98 33.38 9.85 18.18
C TRP D 98 34.86 9.73 18.52
N LYS D 99 35.69 10.23 17.62
CA LYS D 99 37.15 10.18 17.75
C LYS D 99 37.60 11.06 18.91
N LEU D 100 36.94 12.20 19.01
CA LEU D 100 37.23 13.17 20.06
C LEU D 100 36.85 12.61 21.43
N ASP D 101 35.73 11.91 21.50
CA ASP D 101 35.24 11.35 22.75
C ASP D 101 36.23 10.33 23.34
N GLY D 102 36.81 9.49 22.47
CA GLY D 102 37.82 8.54 22.89
C GLY D 102 37.30 7.15 23.19
N ARG D 103 35.98 7.03 23.35
CA ARG D 103 35.34 5.74 23.56
C ARG D 103 35.11 5.01 22.25
N ASP D 104 35.27 3.69 22.25
CA ASP D 104 34.90 2.90 21.09
C ASP D 104 33.40 3.01 20.87
N VAL D 105 32.98 2.80 19.64
CA VAL D 105 31.60 2.96 19.25
C VAL D 105 31.01 1.62 18.87
N SER D 106 29.87 1.28 19.47
CA SER D 106 29.10 0.09 19.09
C SER D 106 27.89 0.49 18.25
N LEU D 107 27.83 -0.04 17.04
CA LEU D 107 26.73 0.25 16.13
C LEU D 107 25.79 -0.93 16.13
N LEU D 108 24.56 -0.71 16.54
CA LEU D 108 23.60 -1.78 16.80
C LEU D 108 22.57 -1.94 15.67
N ILE D 109 22.53 -3.14 15.09
CA ILE D 109 21.55 -3.54 14.09
C ILE D 109 20.71 -4.68 14.62
N GLY D 110 19.39 -4.49 14.63
CA GLY D 110 18.48 -5.47 15.18
C GLY D 110 18.26 -6.65 14.25
N GLY D 111 17.60 -7.68 14.76
CA GLY D 111 17.20 -8.81 13.97
C GLY D 111 15.86 -8.52 13.31
N PRO D 112 15.16 -9.56 12.85
CA PRO D 112 13.92 -9.49 12.05
C PRO D 112 12.81 -8.71 12.76
N GLU D 113 12.80 -8.78 14.09
CA GLU D 113 11.79 -8.10 14.89
C GLU D 113 12.24 -6.73 15.40
N GLY D 114 13.40 -6.26 14.91
CA GLY D 114 13.95 -4.97 15.29
C GLY D 114 14.81 -5.01 16.55
N LEU D 115 15.20 -3.84 17.05
CA LEU D 115 15.98 -3.75 18.27
C LEU D 115 15.10 -3.95 19.52
N SER D 116 15.67 -4.57 20.55
CA SER D 116 14.97 -4.69 21.82
C SER D 116 14.77 -3.30 22.42
N PRO D 117 13.73 -3.12 23.25
CA PRO D 117 13.49 -1.89 24.01
C PRO D 117 14.71 -1.40 24.80
N ALA D 118 15.42 -2.33 25.41
CA ALA D 118 16.59 -2.00 26.20
C ALA D 118 17.67 -1.43 25.27
N CYS D 119 17.75 -1.97 24.06
CA CYS D 119 18.74 -1.49 23.10
C CYS D 119 18.38 -0.10 22.60
N LYS D 120 17.10 0.10 22.35
CA LYS D 120 16.65 1.41 21.91
C LYS D 120 16.89 2.42 23.01
N ALA D 121 16.61 2.02 24.25
CA ALA D 121 16.83 2.89 25.40
C ALA D 121 18.30 3.21 25.62
N ALA D 122 19.17 2.23 25.35
CA ALA D 122 20.60 2.39 25.65
C ALA D 122 21.32 3.30 24.67
N ALA D 123 20.67 3.66 23.57
CA ALA D 123 21.28 4.44 22.52
C ALA D 123 21.61 5.88 22.95
N GLU D 124 22.88 6.29 22.82
CA GLU D 124 23.23 7.69 23.01
C GLU D 124 22.88 8.48 21.74
N GLN D 125 22.97 7.79 20.61
CA GLN D 125 22.57 8.33 19.32
C GLN D 125 21.85 7.26 18.52
N SER D 126 20.98 7.70 17.61
CA SER D 126 20.28 6.77 16.71
C SER D 126 20.38 7.29 15.30
N TRP D 127 20.60 6.38 14.36
CA TRP D 127 20.97 6.72 12.99
C TRP D 127 20.04 6.03 12.00
N SER D 128 19.30 6.83 11.24
CA SER D 128 18.39 6.29 10.24
C SER D 128 19.05 6.29 8.87
N LEU D 129 19.06 5.15 8.22
CA LEU D 129 19.65 5.01 6.87
C LEU D 129 18.71 5.41 5.72
N SER D 130 17.40 5.40 5.96
CA SER D 130 16.37 5.46 4.92
C SER D 130 15.03 5.52 5.62
N ALA D 131 14.01 6.05 4.94
CA ALA D 131 12.62 5.92 5.39
C ALA D 131 12.10 4.50 5.11
N LEU D 132 12.81 3.79 4.25
CA LEU D 132 12.46 2.41 3.93
C LEU D 132 12.84 1.45 5.06
N THR D 133 12.07 0.36 5.17
CA THR D 133 12.43 -0.76 6.03
C THR D 133 13.39 -1.67 5.28
N LEU D 134 14.64 -1.65 5.70
CA LEU D 134 15.70 -2.37 5.00
C LEU D 134 15.96 -3.74 5.60
N PRO D 135 16.33 -4.73 4.77
CA PRO D 135 16.59 -6.03 5.41
C PRO D 135 17.94 -5.99 6.14
N HIS D 136 18.05 -6.60 7.32
CA HIS D 136 19.27 -6.40 8.11
C HIS D 136 20.60 -6.81 7.43
N PRO D 137 20.65 -7.87 6.61
CA PRO D 137 21.93 -8.08 5.92
C PRO D 137 22.40 -6.88 5.08
N LEU D 138 21.47 -6.26 4.37
CA LEU D 138 21.75 -5.09 3.54
C LEU D 138 22.10 -3.86 4.41
N VAL D 139 21.53 -3.77 5.61
CA VAL D 139 21.92 -2.71 6.54
C VAL D 139 23.43 -2.77 6.87
N ARG D 140 23.95 -3.99 7.06
CA ARG D 140 25.38 -4.22 7.29
C ARG D 140 26.27 -3.64 6.21
N VAL D 141 25.91 -3.93 4.96
CA VAL D 141 26.66 -3.44 3.82
C VAL D 141 26.58 -1.92 3.74
N LEU D 142 25.39 -1.37 3.98
CA LEU D 142 25.22 0.10 3.94
C LEU D 142 26.02 0.80 5.03
N VAL D 143 26.04 0.25 6.24
CA VAL D 143 26.82 0.88 7.31
C VAL D 143 28.32 0.88 6.97
N ALA D 144 28.81 -0.25 6.48
CA ALA D 144 30.21 -0.38 6.12
C ALA D 144 30.58 0.60 4.99
N GLU D 145 29.77 0.66 3.94
CA GLU D 145 30.07 1.55 2.82
C GLU D 145 29.97 3.01 3.23
N SER D 146 28.93 3.37 3.97
CA SER D 146 28.67 4.78 4.26
C SER D 146 29.69 5.32 5.26
N LEU D 147 30.14 4.50 6.19
CA LEU D 147 31.18 4.94 7.11
C LEU D 147 32.50 5.11 6.34
N TYR D 148 32.73 4.20 5.40
CA TYR D 148 33.90 4.26 4.54
C TYR D 148 33.88 5.54 3.71
N ARG D 149 32.75 5.84 3.09
CA ARG D 149 32.62 7.07 2.33
C ARG D 149 32.79 8.30 3.21
N ALA D 150 32.23 8.27 4.42
CA ALA D 150 32.37 9.38 5.37
C ALA D 150 33.85 9.64 5.72
N TRP D 151 34.58 8.57 5.97
CA TRP D 151 36.00 8.69 6.24
C TRP D 151 36.76 9.18 4.99
N SER D 152 36.45 8.60 3.82
CA SER D 152 37.20 8.87 2.59
C SER D 152 37.05 10.32 2.11
N ILE D 153 35.91 10.93 2.45
CA ILE D 153 35.69 12.36 2.19
C ILE D 153 36.64 13.24 2.99
N THR D 154 36.95 12.83 4.20
CA THR D 154 37.87 13.58 5.05
C THR D 154 39.28 13.59 4.44
N THR D 155 39.60 12.57 3.64
CA THR D 155 40.97 12.37 3.14
C THR D 155 41.26 12.56 1.63
N ASN D 156 40.28 13.03 0.86
CA ASN D 156 40.37 13.09 -0.62
C ASN D 156 40.90 11.81 -1.26
N HIS D 157 40.44 10.69 -0.73
CA HIS D 157 40.65 9.37 -1.31
C HIS D 157 39.85 9.34 -2.62
N PRO D 158 40.33 8.62 -3.65
CA PRO D 158 39.61 8.64 -4.93
C PRO D 158 38.17 8.05 -4.89
N TYR D 159 37.83 7.31 -3.84
CA TYR D 159 36.55 6.59 -3.78
C TYR D 159 35.29 7.45 -3.79
N HIS D 160 35.30 8.53 -3.02
CA HIS D 160 34.10 9.35 -2.78
C HIS D 160 33.65 10.16 -4.00
N ARG D 161 34.44 10.12 -5.07
CA ARG D 161 34.16 10.93 -6.23
C ARG D 161 33.61 10.03 -7.34
N GLU D 162 33.36 8.78 -6.95
CA GLU D 162 32.75 7.78 -7.81
C GLU D 162 31.65 7.12 -6.99
#